data_4BN8
#
_entry.id   4BN8
#
_cell.length_a   53.888
_cell.length_b   120.804
_cell.length_c   68.572
_cell.angle_alpha   90.00
_cell.angle_beta   90.00
_cell.angle_gamma   90.00
#
_symmetry.space_group_name_H-M   'C 2 2 21'
#
loop_
_entity.id
_entity.type
_entity.pdbx_description
1 polymer 'COPPER INDUCED NITROREDUCTASE D'
2 non-polymer 'FLAVIN MONONUCLEOTIDE'
3 non-polymer P-NITROPHENOL
4 water water
#
_entity_poly.entity_id   1
_entity_poly.type   'polypeptide(L)'
_entity_poly.pdbx_seq_one_letter_code
;SFIKSLENRRTIYALGRNVQDEEKVIETIKEAVRFSPTAFNSQTGRLLILTGDAQDKLWDEIVAPELKAAMEAQGVPESA
WDNTRAKLDGFKAAFGTILFFEDQAVVKNLQEQFALYADNFPVWSEQGSGIISVNVWTALAELGLGANLQHYNPLIDEAV
AKEWNLPESWKLRGQLVFGSIEAPAGEKTFMDDADRFIVAK
;
_entity_poly.pdbx_strand_id   A
#
# COMPACT_ATOMS: atom_id res chain seq x y z
N SER A 1 17.81 -1.26 15.05
CA SER A 1 17.84 -2.61 14.52
C SER A 1 16.80 -2.75 13.42
N PHE A 2 17.25 -3.14 12.24
CA PHE A 2 16.36 -3.31 11.11
C PHE A 2 15.42 -4.49 11.32
N ILE A 3 15.94 -5.59 11.82
CA ILE A 3 15.11 -6.74 12.14
C ILE A 3 13.99 -6.36 13.13
N LYS A 4 14.33 -5.59 14.16
CA LYS A 4 13.32 -5.14 15.11
C LYS A 4 12.26 -4.27 14.42
N SER A 5 12.69 -3.44 13.47
CA SER A 5 11.74 -2.62 12.74
C SER A 5 10.76 -3.49 11.97
N LEU A 6 11.28 -4.53 11.33
CA LEU A 6 10.42 -5.47 10.61
C LEU A 6 9.43 -6.09 11.59
N GLU A 7 9.91 -6.52 12.74
CA GLU A 7 9.04 -7.19 13.69
C GLU A 7 7.97 -6.24 14.26
N ASN A 8 8.28 -4.95 14.32
CA ASN A 8 7.33 -3.99 14.88
CA ASN A 8 7.35 -3.96 14.87
C ASN A 8 6.16 -3.70 13.94
N ARG A 9 6.35 -3.96 12.65
CA ARG A 9 5.28 -3.78 11.69
C ARG A 9 4.30 -4.92 11.81
N ARG A 10 3.03 -4.58 12.01
CA ARG A 10 1.96 -5.57 12.09
C ARG A 10 0.68 -5.02 11.47
N THR A 11 -0.23 -5.93 11.12
CA THR A 11 -1.56 -5.55 10.68
C THR A 11 -2.34 -5.06 11.89
N ILE A 12 -2.77 -3.81 11.84
CA ILE A 12 -3.58 -3.20 12.89
C ILE A 12 -4.93 -2.79 12.28
N TYR A 13 -6.01 -3.44 12.71
CA TYR A 13 -7.34 -3.12 12.19
C TYR A 13 -8.03 -1.98 12.93
N ALA A 14 -7.78 -1.86 14.23
CA ALA A 14 -8.37 -0.78 15.02
C ALA A 14 -7.49 0.46 14.92
N LEU A 15 -7.90 1.39 14.06
CA LEU A 15 -7.12 2.59 13.77
C LEU A 15 -7.92 3.86 14.07
N GLY A 16 -7.22 4.90 14.52
CA GLY A 16 -7.84 6.17 14.80
C GLY A 16 -7.09 7.31 14.13
N ARG A 17 -7.38 8.53 14.56
CA ARG A 17 -6.86 9.73 13.93
C ARG A 17 -6.01 10.55 14.90
N ASN A 18 -5.52 9.88 15.93
CA ASN A 18 -4.63 10.50 16.91
C ASN A 18 -3.21 10.59 16.38
N VAL A 19 -3.04 11.36 15.31
CA VAL A 19 -1.76 11.50 14.61
C VAL A 19 -1.19 12.90 14.86
N GLN A 20 0.00 12.96 15.44
CA GLN A 20 0.54 14.22 15.94
C GLN A 20 1.15 15.13 14.87
N ASP A 21 1.78 14.53 13.87
CA ASP A 21 2.58 15.31 12.93
C ASP A 21 2.39 14.78 11.51
N GLU A 22 1.35 15.24 10.85
CA GLU A 22 0.98 14.75 9.53
C GLU A 22 2.08 15.01 8.48
N GLU A 23 2.79 16.12 8.58
CA GLU A 23 3.85 16.42 7.61
C GLU A 23 4.95 15.37 7.70
N LYS A 24 5.38 15.04 8.91
CA LYS A 24 6.40 14.00 9.09
C LYS A 24 5.94 12.66 8.52
N VAL A 25 4.67 12.32 8.74
CA VAL A 25 4.10 11.09 8.18
C VAL A 25 4.24 11.09 6.65
N ILE A 26 3.86 12.18 6.01
CA ILE A 26 3.93 12.29 4.57
C ILE A 26 5.39 12.18 4.08
N GLU A 27 6.29 12.87 4.78
CA GLU A 27 7.71 12.82 4.43
CA GLU A 27 7.71 12.82 4.44
C GLU A 27 8.21 11.38 4.46
N THR A 28 7.85 10.66 5.51
CA THR A 28 8.31 9.30 5.72
C THR A 28 7.77 8.36 4.66
N ILE A 29 6.52 8.57 4.26
CA ILE A 29 5.92 7.76 3.20
C ILE A 29 6.73 7.94 1.91
N LYS A 30 7.04 9.19 1.58
CA LYS A 30 7.79 9.49 0.36
C LYS A 30 9.21 8.90 0.40
N GLU A 31 9.86 8.98 1.56
CA GLU A 31 11.22 8.46 1.69
C GLU A 31 11.26 6.94 1.54
N ALA A 32 10.26 6.27 2.10
CA ALA A 32 10.22 4.81 2.07
C ALA A 32 10.10 4.33 0.63
N VAL A 33 9.28 5.02 -0.16
CA VAL A 33 9.14 4.72 -1.59
C VAL A 33 10.42 5.09 -2.33
N ARG A 34 10.95 6.28 -2.03
CA ARG A 34 12.12 6.80 -2.71
C ARG A 34 13.30 5.83 -2.65
N PHE A 35 13.53 5.27 -1.46
CA PHE A 35 14.69 4.43 -1.24
C PHE A 35 14.42 2.94 -1.44
N SER A 36 13.29 2.63 -2.07
CA SER A 36 12.95 1.25 -2.43
C SER A 36 13.50 0.93 -3.81
N PRO A 37 14.10 -0.26 -3.98
CA PRO A 37 14.64 -0.64 -5.29
C PRO A 37 13.56 -1.11 -6.26
N THR A 38 13.78 -0.85 -7.55
CA THR A 38 12.90 -1.30 -8.62
C THR A 38 13.75 -1.73 -9.81
N ALA A 39 13.28 -2.71 -10.57
CA ALA A 39 14.03 -3.17 -11.72
C ALA A 39 14.41 -1.99 -12.62
N PHE A 40 15.69 -1.94 -12.99
CA PHE A 40 16.18 -0.93 -13.94
C PHE A 40 16.01 0.47 -13.36
N ASN A 41 15.81 0.55 -12.04
CA ASN A 41 15.54 1.82 -11.39
C ASN A 41 14.35 2.50 -12.07
N SER A 42 13.38 1.68 -12.49
CA SER A 42 12.25 2.15 -13.26
C SER A 42 11.23 2.96 -12.43
N GLN A 43 11.23 2.77 -11.12
CA GLN A 43 10.41 3.58 -10.22
C GLN A 43 8.97 3.68 -10.69
N THR A 44 8.34 2.51 -10.84
CA THR A 44 7.03 2.41 -11.46
C THR A 44 5.89 2.69 -10.48
N GLY A 45 6.22 2.77 -9.19
CA GLY A 45 5.22 2.97 -8.16
C GLY A 45 4.66 4.37 -8.17
N ARG A 46 3.36 4.47 -7.94
CA ARG A 46 2.69 5.77 -7.84
C ARG A 46 1.77 5.74 -6.62
N LEU A 47 1.67 6.86 -5.90
CA LEU A 47 0.87 6.90 -4.69
C LEU A 47 -0.16 8.03 -4.70
N LEU A 48 -1.34 7.70 -4.22
CA LEU A 48 -2.33 8.70 -3.87
C LEU A 48 -2.53 8.62 -2.35
N ILE A 49 -2.24 9.71 -1.66
CA ILE A 49 -2.30 9.73 -0.20
C ILE A 49 -3.52 10.57 0.24
N LEU A 50 -4.50 9.91 0.82
CA LEU A 50 -5.75 10.55 1.23
C LEU A 50 -5.86 10.66 2.75
N THR A 51 -6.16 11.86 3.22
CA THR A 51 -6.46 12.09 4.63
C THR A 51 -7.64 13.04 4.75
N GLY A 52 -8.14 13.23 5.96
CA GLY A 52 -9.24 14.15 6.19
C GLY A 52 -10.47 13.89 5.34
N ASP A 53 -11.01 14.92 4.71
CA ASP A 53 -12.23 14.80 3.92
C ASP A 53 -12.10 13.75 2.81
N ALA A 54 -10.89 13.64 2.26
CA ALA A 54 -10.64 12.71 1.15
C ALA A 54 -10.73 11.27 1.65
N GLN A 55 -10.22 11.04 2.85
CA GLN A 55 -10.33 9.74 3.50
C GLN A 55 -11.81 9.38 3.65
N ASP A 56 -12.62 10.34 4.12
CA ASP A 56 -14.05 10.10 4.28
C ASP A 56 -14.72 9.80 2.93
N LYS A 57 -14.40 10.60 1.92
CA LYS A 57 -14.96 10.42 0.60
C LYS A 57 -14.67 9.04 0.03
N LEU A 58 -13.41 8.60 0.13
CA LEU A 58 -13.05 7.31 -0.42
C LEU A 58 -13.97 6.20 0.09
N TRP A 59 -14.14 6.13 1.40
CA TRP A 59 -14.83 4.99 1.99
C TRP A 59 -16.35 5.13 1.95
N ASP A 60 -16.87 6.34 2.14
CA ASP A 60 -18.32 6.57 2.10
C ASP A 60 -18.88 6.68 0.68
N GLU A 61 -18.16 7.37 -0.20
CA GLU A 61 -18.72 7.75 -1.50
C GLU A 61 -18.23 6.86 -2.65
N ILE A 62 -17.16 6.10 -2.42
CA ILE A 62 -16.60 5.25 -3.47
C ILE A 62 -16.66 3.76 -3.09
N VAL A 63 -15.93 3.37 -2.05
CA VAL A 63 -15.85 1.95 -1.69
C VAL A 63 -17.20 1.34 -1.32
N ALA A 64 -17.95 2.01 -0.47
CA ALA A 64 -19.21 1.44 0.04
C ALA A 64 -20.24 1.22 -1.07
N PRO A 65 -20.54 2.26 -1.87
CA PRO A 65 -21.50 2.06 -2.97
C PRO A 65 -21.03 1.00 -3.96
N GLU A 66 -19.76 1.01 -4.31
CA GLU A 66 -19.21 0.03 -5.26
C GLU A 66 -19.43 -1.38 -4.73
N LEU A 67 -19.04 -1.61 -3.47
CA LEU A 67 -19.26 -2.89 -2.81
C LEU A 67 -20.75 -3.27 -2.83
N LYS A 68 -21.60 -2.36 -2.37
CA LYS A 68 -23.03 -2.65 -2.27
C LYS A 68 -23.63 -2.93 -3.65
N ALA A 69 -23.23 -2.15 -4.64
CA ALA A 69 -23.71 -2.34 -6.00
C ALA A 69 -23.22 -3.68 -6.53
N ALA A 70 -21.99 -4.03 -6.19
CA ALA A 70 -21.41 -5.30 -6.63
C ALA A 70 -22.13 -6.48 -5.98
N MET A 71 -22.20 -6.48 -4.65
CA MET A 71 -22.86 -7.54 -3.91
C MET A 71 -24.25 -7.83 -4.48
N GLU A 72 -25.14 -6.85 -4.32
CA GLU A 72 -26.52 -6.97 -4.79
C GLU A 72 -26.58 -7.75 -6.10
N ALA A 73 -25.66 -7.46 -7.01
CA ALA A 73 -25.59 -8.14 -8.29
C ALA A 73 -24.30 -8.94 -8.40
N LYS A 87 -18.85 -4.17 7.65
CA LYS A 87 -18.70 -2.78 8.07
C LYS A 87 -17.35 -2.20 7.66
N LEU A 88 -17.41 -1.19 6.80
CA LEU A 88 -16.23 -0.51 6.30
C LEU A 88 -15.88 0.69 7.18
N ASP A 89 -16.67 0.89 8.24
CA ASP A 89 -16.50 2.04 9.09
C ASP A 89 -15.18 2.00 9.87
N GLY A 90 -14.62 0.80 10.05
CA GLY A 90 -13.33 0.64 10.69
C GLY A 90 -12.20 1.20 9.84
N PHE A 91 -12.38 1.15 8.53
CA PHE A 91 -11.39 1.71 7.61
C PHE A 91 -11.51 3.23 7.56
N LYS A 92 -12.75 3.71 7.44
CA LYS A 92 -13.01 5.14 7.39
C LYS A 92 -12.49 5.85 8.65
N ALA A 93 -12.64 5.19 9.80
CA ALA A 93 -12.22 5.75 11.08
C ALA A 93 -10.71 6.04 11.12
N ALA A 94 -9.95 5.40 10.23
CA ALA A 94 -8.50 5.63 10.18
C ALA A 94 -8.17 7.06 9.79
N PHE A 95 -6.90 7.43 9.91
CA PHE A 95 -6.43 8.77 9.60
C PHE A 95 -6.35 8.99 8.10
N GLY A 96 -5.99 7.94 7.38
CA GLY A 96 -5.85 8.05 5.94
C GLY A 96 -5.71 6.72 5.23
N THR A 97 -5.67 6.81 3.91
CA THR A 97 -5.45 5.65 3.06
C THR A 97 -4.38 6.00 2.02
N ILE A 98 -3.43 5.09 1.82
CA ILE A 98 -2.41 5.27 0.80
C ILE A 98 -2.68 4.28 -0.30
N LEU A 99 -3.10 4.77 -1.46
CA LEU A 99 -3.40 3.91 -2.59
C LEU A 99 -2.17 3.76 -3.46
N PHE A 100 -1.75 2.51 -3.64
CA PHE A 100 -0.57 2.19 -4.41
C PHE A 100 -0.93 1.77 -5.83
N PHE A 101 -0.34 2.42 -6.82
CA PHE A 101 -0.54 2.06 -8.23
C PHE A 101 0.80 1.70 -8.86
N GLU A 102 0.76 1.08 -10.04
CA GLU A 102 1.94 0.84 -10.85
C GLU A 102 1.71 1.46 -12.23
N ASP A 103 2.66 2.27 -12.67
CA ASP A 103 2.51 3.01 -13.93
C ASP A 103 2.74 2.09 -15.12
N GLN A 104 1.67 1.73 -15.81
CA GLN A 104 1.73 0.80 -16.93
C GLN A 104 2.40 1.41 -18.15
N ALA A 105 2.44 2.74 -18.23
CA ALA A 105 3.08 3.41 -19.36
C ALA A 105 4.58 3.18 -19.31
N VAL A 106 5.14 3.18 -18.11
CA VAL A 106 6.56 2.93 -17.93
C VAL A 106 6.85 1.46 -18.23
N VAL A 107 6.03 0.58 -17.67
CA VAL A 107 6.16 -0.85 -17.92
C VAL A 107 6.19 -1.14 -19.41
N LYS A 108 5.19 -0.62 -20.11
CA LYS A 108 5.05 -0.86 -21.54
C LYS A 108 6.24 -0.33 -22.34
N ASN A 109 6.79 0.81 -21.93
CA ASN A 109 7.93 1.40 -22.62
C ASN A 109 9.20 0.58 -22.39
N LEU A 110 9.32 -0.01 -21.20
CA LEU A 110 10.43 -0.91 -20.91
C LEU A 110 10.34 -2.17 -21.77
N GLN A 111 9.11 -2.68 -21.93
CA GLN A 111 8.88 -3.84 -22.76
C GLN A 111 9.29 -3.56 -24.20
N GLU A 112 9.07 -2.33 -24.64
CA GLU A 112 9.39 -1.94 -26.01
C GLU A 112 10.89 -1.74 -26.17
N GLN A 113 11.51 -1.12 -25.17
CA GLN A 113 12.92 -0.75 -25.24
C GLN A 113 13.82 -1.97 -25.09
N PHE A 114 13.39 -2.93 -24.28
CA PHE A 114 14.14 -4.17 -24.05
C PHE A 114 13.22 -5.36 -24.27
N ALA A 115 12.89 -5.60 -25.53
CA ALA A 115 11.91 -6.64 -25.89
C ALA A 115 12.29 -8.02 -25.36
N LEU A 116 13.58 -8.24 -25.11
CA LEU A 116 14.04 -9.53 -24.61
C LEU A 116 13.44 -9.82 -23.24
N TYR A 117 13.28 -8.78 -22.43
CA TYR A 117 12.78 -8.93 -21.07
C TYR A 117 11.30 -8.55 -20.96
N ALA A 118 10.62 -8.46 -22.10
CA ALA A 118 9.24 -7.98 -22.13
C ALA A 118 8.37 -8.63 -21.05
N ASP A 119 8.49 -9.94 -20.88
CA ASP A 119 7.66 -10.69 -19.93
C ASP A 119 8.02 -10.42 -18.47
N ASN A 120 9.27 -9.99 -18.24
CA ASN A 120 9.75 -9.77 -16.89
C ASN A 120 9.25 -8.49 -16.23
N PHE A 121 9.07 -7.44 -17.02
CA PHE A 121 8.76 -6.13 -16.44
C PHE A 121 7.44 -6.10 -15.67
N PRO A 122 6.39 -6.74 -16.18
CA PRO A 122 5.15 -6.84 -15.39
C PRO A 122 5.37 -7.57 -14.07
N VAL A 123 6.10 -8.68 -14.12
CA VAL A 123 6.45 -9.42 -12.92
C VAL A 123 7.22 -8.54 -11.94
N TRP A 124 8.26 -7.87 -12.43
CA TRP A 124 9.09 -7.03 -11.57
C TRP A 124 8.30 -5.84 -11.04
N SER A 125 7.33 -5.37 -11.83
CA SER A 125 6.48 -4.27 -11.41
C SER A 125 5.61 -4.71 -10.23
N GLU A 126 5.02 -5.89 -10.34
CA GLU A 126 4.21 -6.41 -9.23
C GLU A 126 5.07 -6.56 -7.99
N GLN A 127 6.23 -7.18 -8.14
CA GLN A 127 7.18 -7.29 -7.04
C GLN A 127 7.45 -5.91 -6.44
N GLY A 128 7.66 -4.93 -7.32
CA GLY A 128 7.90 -3.56 -6.89
C GLY A 128 6.79 -2.96 -6.06
N SER A 129 5.54 -3.31 -6.38
CA SER A 129 4.40 -2.84 -5.60
C SER A 129 4.46 -3.40 -4.18
N GLY A 130 4.69 -4.72 -4.06
CA GLY A 130 4.84 -5.32 -2.75
C GLY A 130 5.93 -4.61 -1.97
N ILE A 131 7.06 -4.39 -2.62
CA ILE A 131 8.23 -3.78 -2.01
C ILE A 131 7.91 -2.41 -1.41
N ILE A 132 7.38 -1.50 -2.20
CA ILE A 132 7.09 -0.17 -1.67
C ILE A 132 5.94 -0.20 -0.67
N SER A 133 4.99 -1.10 -0.84
CA SER A 133 3.88 -1.20 0.11
C SER A 133 4.38 -1.52 1.52
N VAL A 134 5.23 -2.53 1.65
CA VAL A 134 5.69 -2.95 2.98
C VAL A 134 6.76 -2.03 3.55
N ASN A 135 7.53 -1.37 2.69
CA ASN A 135 8.49 -0.39 3.18
C ASN A 135 7.76 0.80 3.81
N VAL A 136 6.71 1.29 3.16
CA VAL A 136 5.89 2.36 3.75
C VAL A 136 5.22 1.87 5.05
N TRP A 137 4.60 0.69 4.99
CA TRP A 137 3.95 0.07 6.13
C TRP A 137 4.90 0.05 7.33
N THR A 138 6.14 -0.38 7.10
CA THR A 138 7.12 -0.51 8.16
C THR A 138 7.62 0.84 8.66
N ALA A 139 7.78 1.81 7.76
CA ALA A 139 8.20 3.14 8.17
C ALA A 139 7.13 3.82 9.04
N LEU A 140 5.87 3.63 8.69
CA LEU A 140 4.76 4.15 9.50
C LEU A 140 4.76 3.53 10.89
N ALA A 141 5.05 2.23 10.95
CA ALA A 141 5.09 1.52 12.23
C ALA A 141 6.19 2.08 13.12
N GLU A 142 7.32 2.47 12.52
CA GLU A 142 8.40 3.07 13.32
CA GLU A 142 8.40 3.07 13.30
C GLU A 142 7.96 4.40 13.92
N LEU A 143 7.03 5.09 13.27
CA LEU A 143 6.49 6.33 13.81
C LEU A 143 5.43 6.09 14.88
N GLY A 144 5.11 4.82 15.13
CA GLY A 144 4.12 4.47 16.14
C GLY A 144 2.72 4.34 15.56
N LEU A 145 2.60 4.45 14.25
CA LEU A 145 1.31 4.33 13.57
C LEU A 145 1.05 2.91 13.09
N GLY A 146 -0.20 2.47 13.15
CA GLY A 146 -0.57 1.17 12.64
C GLY A 146 -1.12 1.28 11.24
N ALA A 147 -1.20 0.14 10.55
CA ALA A 147 -1.80 0.11 9.23
C ALA A 147 -2.28 -1.28 8.88
N ASN A 148 -3.13 -1.35 7.86
CA ASN A 148 -3.51 -2.63 7.28
C ASN A 148 -3.67 -2.45 5.78
N LEU A 149 -3.49 -3.55 5.05
CA LEU A 149 -3.44 -3.53 3.60
C LEU A 149 -4.66 -4.21 3.01
N GLN A 150 -5.40 -3.46 2.20
CA GLN A 150 -6.65 -3.94 1.62
C GLN A 150 -6.56 -4.01 0.10
N HIS A 151 -7.46 -4.75 -0.51
CA HIS A 151 -7.49 -4.90 -1.96
C HIS A 151 -8.91 -4.82 -2.51
N TYR A 152 -9.39 -3.59 -2.70
CA TYR A 152 -10.71 -3.37 -3.27
C TYR A 152 -10.60 -3.01 -4.74
N ASN A 153 -9.38 -3.07 -5.27
CA ASN A 153 -9.14 -3.06 -6.70
C ASN A 153 -9.51 -4.43 -7.25
N PRO A 154 -10.00 -4.50 -8.51
CA PRO A 154 -10.17 -3.40 -9.46
C PRO A 154 -11.53 -2.73 -9.36
N LEU A 155 -12.29 -3.07 -8.32
CA LEU A 155 -13.69 -2.64 -8.20
C LEU A 155 -13.84 -1.12 -8.09
N ILE A 156 -12.90 -0.47 -7.41
CA ILE A 156 -12.98 0.97 -7.16
C ILE A 156 -12.08 1.80 -8.08
N ASP A 157 -11.36 1.13 -8.98
CA ASP A 157 -10.36 1.76 -9.83
C ASP A 157 -10.83 3.02 -10.56
N GLU A 158 -11.92 2.90 -11.31
CA GLU A 158 -12.37 4.02 -12.15
C GLU A 158 -12.88 5.19 -11.31
N ALA A 159 -13.60 4.90 -10.24
CA ALA A 159 -14.15 5.95 -9.39
C ALA A 159 -13.02 6.76 -8.76
N VAL A 160 -11.97 6.06 -8.35
CA VAL A 160 -10.82 6.70 -7.74
C VAL A 160 -10.05 7.53 -8.76
N ALA A 161 -9.89 7.00 -9.97
CA ALA A 161 -9.20 7.71 -11.03
C ALA A 161 -9.97 8.98 -11.40
N LYS A 162 -11.29 8.86 -11.46
CA LYS A 162 -12.13 10.00 -11.82
C LYS A 162 -12.09 11.05 -10.71
N GLU A 163 -12.28 10.63 -9.48
CA GLU A 163 -12.38 11.57 -8.37
C GLU A 163 -11.12 12.42 -8.22
N TRP A 164 -9.95 11.78 -8.33
CA TRP A 164 -8.69 12.49 -8.12
C TRP A 164 -7.90 12.71 -9.41
N ASN A 165 -8.58 12.63 -10.55
CA ASN A 165 -7.99 12.98 -11.84
C ASN A 165 -6.66 12.29 -12.12
N LEU A 166 -6.61 10.98 -11.85
CA LEU A 166 -5.39 10.20 -12.02
C LEU A 166 -5.22 9.74 -13.46
N PRO A 167 -3.97 9.65 -13.93
CA PRO A 167 -3.74 9.15 -15.29
C PRO A 167 -4.31 7.75 -15.48
N GLU A 168 -4.72 7.43 -16.69
CA GLU A 168 -5.29 6.12 -16.98
C GLU A 168 -4.24 5.03 -16.78
N SER A 169 -2.97 5.40 -16.89
CA SER A 169 -1.89 4.43 -16.85
C SER A 169 -1.55 3.96 -15.44
N TRP A 170 -2.12 4.59 -14.42
CA TRP A 170 -1.92 4.16 -13.04
C TRP A 170 -2.81 2.96 -12.71
N LYS A 171 -2.19 1.80 -12.53
CA LYS A 171 -2.93 0.57 -12.21
C LYS A 171 -2.95 0.31 -10.71
N LEU A 172 -4.12 0.45 -10.08
CA LEU A 172 -4.27 0.30 -8.64
C LEU A 172 -3.93 -1.11 -8.18
N ARG A 173 -3.08 -1.24 -7.16
CA ARG A 173 -2.64 -2.55 -6.67
C ARG A 173 -3.05 -2.85 -5.23
N GLY A 174 -3.12 -1.83 -4.38
CA GLY A 174 -3.47 -2.03 -2.99
C GLY A 174 -3.76 -0.71 -2.28
N GLN A 175 -4.42 -0.80 -1.13
CA GLN A 175 -4.74 0.38 -0.33
C GLN A 175 -4.30 0.17 1.12
N LEU A 176 -3.28 0.91 1.55
CA LEU A 176 -2.80 0.81 2.92
C LEU A 176 -3.53 1.83 3.80
N VAL A 177 -4.40 1.34 4.68
CA VAL A 177 -5.12 2.19 5.61
C VAL A 177 -4.28 2.37 6.87
N PHE A 178 -4.11 3.60 7.32
CA PHE A 178 -3.22 3.88 8.45
C PHE A 178 -3.79 4.91 9.42
N GLY A 179 -3.22 4.93 10.63
CA GLY A 179 -3.68 5.82 11.68
C GLY A 179 -3.09 5.43 13.03
N SER A 180 -3.66 6.00 14.08
CA SER A 180 -3.20 5.72 15.43
C SER A 180 -3.64 4.32 15.83
N ILE A 181 -2.79 3.61 16.57
CA ILE A 181 -3.12 2.27 17.02
C ILE A 181 -4.09 2.35 18.19
N GLU A 182 -5.26 1.74 18.04
CA GLU A 182 -6.29 1.79 19.09
C GLU A 182 -6.49 0.43 19.74
N ALA A 183 -5.91 -0.60 19.13
CA ALA A 183 -5.92 -1.94 19.73
C ALA A 183 -4.77 -2.72 19.12
N PRO A 184 -4.14 -3.60 19.90
CA PRO A 184 -2.95 -4.34 19.47
C PRO A 184 -3.20 -5.39 18.39
N ALA A 185 -2.14 -5.73 17.67
CA ALA A 185 -2.20 -6.79 16.67
C ALA A 185 -2.63 -8.09 17.35
N GLY A 186 -3.24 -8.98 16.58
CA GLY A 186 -3.63 -10.26 17.11
C GLY A 186 -2.46 -11.23 17.08
N GLU A 187 -2.72 -12.49 17.40
CA GLU A 187 -1.70 -13.53 17.38
C GLU A 187 -1.33 -13.92 15.96
N LYS A 188 -0.09 -14.35 15.76
CA LYS A 188 0.36 -14.80 14.45
C LYS A 188 1.29 -15.99 14.62
N THR A 189 1.15 -16.98 13.75
CA THR A 189 2.00 -18.16 13.80
C THR A 189 3.06 -18.09 12.69
N PHE A 190 4.06 -18.96 12.79
CA PHE A 190 5.12 -19.02 11.79
C PHE A 190 5.36 -20.47 11.40
N MET A 191 5.69 -20.67 10.13
CA MET A 191 6.12 -21.98 9.63
C MET A 191 7.32 -22.51 10.39
N ASP A 192 7.55 -23.81 10.27
CA ASP A 192 8.80 -24.44 10.69
C ASP A 192 9.93 -23.97 9.76
N ASP A 193 11.03 -23.49 10.33
CA ASP A 193 12.18 -23.08 9.53
C ASP A 193 12.56 -24.18 8.54
N ALA A 194 12.48 -25.43 8.99
CA ALA A 194 12.97 -26.55 8.19
C ALA A 194 12.18 -26.70 6.90
N ASP A 195 10.97 -26.15 6.88
CA ASP A 195 10.11 -26.30 5.71
C ASP A 195 10.28 -25.19 4.68
N ARG A 196 11.05 -24.14 5.01
CA ARG A 196 11.21 -23.05 4.03
C ARG A 196 12.63 -22.52 3.84
N PHE A 197 13.59 -22.97 4.67
CA PHE A 197 14.98 -22.59 4.48
C PHE A 197 15.87 -23.83 4.31
N ILE A 198 16.61 -23.87 3.21
CA ILE A 198 17.64 -24.87 3.00
C ILE A 198 18.99 -24.17 2.90
N VAL A 199 19.93 -24.59 3.73
CA VAL A 199 21.28 -24.04 3.70
C VAL A 199 22.25 -25.12 3.25
N ALA A 200 23.05 -24.81 2.24
CA ALA A 200 24.03 -25.75 1.72
C ALA A 200 25.40 -25.09 1.61
N LYS A 201 26.43 -25.82 2.00
CA LYS A 201 27.80 -25.32 1.98
C LYS A 201 28.48 -25.66 0.66
#